data_3NRK
#
_entry.id   3NRK
#
_cell.length_a   137.110
_cell.length_b   137.110
_cell.length_c   137.110
_cell.angle_alpha   90.00
_cell.angle_beta   90.00
_cell.angle_gamma   90.00
#
_symmetry.space_group_name_H-M   'P 2 3'
#
_entity_poly.entity_id   1
_entity_poly.type   'polypeptide(L)'
_entity_poly.pdbx_seq_one_letter_code
;KAGSAAAPFTESLNRVIATVGTVSISELDLDDATEKYNRLQKHLKHEDYRKSFRTRIIDFLIDRAIVDVVAEEESIQVNE
QRVDSEIEKRMEVMGITNRKQFEKTMETSSGMPFELWVTELPYQIKKGQLLQLKIAVPPPNEQEIRSWYNQNKDKVGFEI
RYRIISIAPENDSIQEENRLYKEVSEIRKSILADPSSFALIAGSPRNDPALRARRGMVEWISSFDLYKYSKITATIAAPL
PNGGVSEVFRDERKRYCILKIEGKRPTPMENLRGGIQNILYRDKEEDTFHRWLKESRAEIPIQIFDEAYRKENKIPLKEE
TFHLD
;
_entity_poly.pdbx_strand_id   A
#
# COMPACT_ATOMS: atom_id res chain seq x y z
N LEU A 13 -38.41 -8.71 -18.81
CA LEU A 13 -37.23 -8.57 -19.67
C LEU A 13 -35.88 -8.74 -18.91
N ASN A 14 -35.98 -9.10 -17.61
CA ASN A 14 -34.85 -9.43 -16.74
C ASN A 14 -34.50 -10.92 -17.01
N ARG A 15 -33.84 -11.15 -18.18
CA ARG A 15 -33.45 -12.48 -18.68
C ARG A 15 -32.18 -13.06 -18.04
N VAL A 16 -32.04 -14.39 -18.07
CA VAL A 16 -30.87 -15.04 -17.50
C VAL A 16 -29.76 -15.03 -18.55
N ILE A 17 -28.62 -14.46 -18.16
CA ILE A 17 -27.41 -14.33 -18.98
C ILE A 17 -26.63 -15.66 -18.89
N ALA A 18 -26.42 -16.15 -17.65
CA ALA A 18 -25.64 -17.35 -17.37
C ALA A 18 -25.96 -17.96 -16.00
N THR A 19 -25.53 -19.23 -15.81
CA THR A 19 -25.68 -19.93 -14.55
C THR A 19 -24.32 -20.47 -14.16
N VAL A 20 -23.86 -20.12 -12.97
CA VAL A 20 -22.59 -20.62 -12.48
C VAL A 20 -22.94 -21.47 -11.29
N GLY A 21 -22.89 -22.77 -11.48
CA GLY A 21 -23.24 -23.69 -10.42
C GLY A 21 -24.71 -23.49 -10.11
N THR A 22 -25.01 -23.25 -8.83
CA THR A 22 -26.37 -22.98 -8.35
C THR A 22 -26.76 -21.52 -8.61
N VAL A 23 -25.79 -20.62 -8.78
CA VAL A 23 -26.02 -19.17 -9.01
C VAL A 23 -26.57 -18.87 -10.43
N SER A 24 -27.51 -17.91 -10.53
CA SER A 24 -28.02 -17.47 -11.84
C SER A 24 -27.76 -16.00 -11.97
N ILE A 25 -27.22 -15.61 -13.10
CA ILE A 25 -26.90 -14.23 -13.36
C ILE A 25 -27.97 -13.67 -14.29
N SER A 26 -28.74 -12.72 -13.75
CA SER A 26 -29.82 -12.02 -14.43
C SER A 26 -29.29 -10.75 -15.05
N GLU A 27 -29.98 -10.27 -16.11
CA GLU A 27 -29.65 -9.02 -16.78
C GLU A 27 -29.71 -7.88 -15.76
N LEU A 28 -30.63 -7.98 -14.79
CA LEU A 28 -30.72 -7.00 -13.69
C LEU A 28 -29.40 -7.01 -12.90
N ASP A 29 -28.98 -8.21 -12.40
CA ASP A 29 -27.73 -8.44 -11.63
C ASP A 29 -26.55 -7.71 -12.29
N LEU A 30 -26.52 -7.70 -13.64
CA LEU A 30 -25.53 -7.05 -14.49
C LEU A 30 -25.59 -5.52 -14.29
N ASP A 31 -26.79 -4.93 -14.50
CA ASP A 31 -27.06 -3.48 -14.36
C ASP A 31 -26.68 -2.97 -12.95
N ASP A 32 -27.05 -3.75 -11.92
CA ASP A 32 -26.73 -3.43 -10.52
C ASP A 32 -25.20 -3.36 -10.36
N ALA A 33 -24.49 -4.39 -10.84
CA ALA A 33 -23.04 -4.49 -10.78
C ALA A 33 -22.32 -3.41 -11.59
N THR A 34 -22.95 -2.95 -12.73
CA THR A 34 -22.44 -1.93 -13.66
C THR A 34 -21.69 -0.77 -12.99
N GLU A 35 -22.17 -0.28 -11.83
CA GLU A 35 -21.50 0.80 -11.10
C GLU A 35 -20.22 0.33 -10.41
N LYS A 36 -20.34 -0.66 -9.50
CA LYS A 36 -19.22 -1.26 -8.78
C LYS A 36 -18.06 -1.64 -9.71
N TYR A 37 -18.32 -2.44 -10.79
CA TYR A 37 -17.29 -2.84 -11.75
C TYR A 37 -16.48 -1.67 -12.29
N ASN A 38 -17.15 -0.53 -12.56
CA ASN A 38 -16.49 0.68 -13.06
C ASN A 38 -15.49 1.26 -12.05
N ARG A 39 -15.89 1.39 -10.77
CA ARG A 39 -15.00 1.89 -9.72
C ARG A 39 -13.90 0.89 -9.35
N LEU A 40 -14.15 -0.42 -9.63
CA LEU A 40 -13.22 -1.52 -9.41
C LEU A 40 -12.25 -1.69 -10.60
N GLN A 41 -12.63 -1.21 -11.82
CA GLN A 41 -11.82 -1.29 -13.06
C GLN A 41 -10.41 -0.74 -12.85
N LYS A 42 -10.26 0.26 -11.94
CA LYS A 42 -8.98 0.85 -11.54
C LYS A 42 -8.07 -0.22 -10.85
N HIS A 43 -8.62 -0.96 -9.85
CA HIS A 43 -7.96 -2.02 -9.06
C HIS A 43 -7.85 -3.40 -9.75
N LEU A 44 -8.80 -3.74 -10.66
CA LEU A 44 -8.83 -5.00 -11.40
C LEU A 44 -7.69 -5.06 -12.44
N LYS A 45 -6.51 -5.57 -12.01
CA LYS A 45 -5.27 -5.66 -12.81
C LYS A 45 -5.10 -6.97 -13.61
N HIS A 46 -6.17 -7.39 -14.32
CA HIS A 46 -6.19 -8.62 -15.16
C HIS A 46 -7.04 -8.54 -16.45
N GLU A 47 -8.25 -7.92 -16.39
CA GLU A 47 -9.21 -7.79 -17.51
C GLU A 47 -8.57 -7.36 -18.83
N ASP A 48 -8.84 -8.11 -19.93
CA ASP A 48 -8.33 -7.84 -21.28
C ASP A 48 -9.30 -6.90 -22.00
N TYR A 49 -8.92 -5.59 -22.11
CA TYR A 49 -9.71 -4.51 -22.71
C TYR A 49 -10.15 -4.67 -24.15
N ARG A 50 -9.60 -5.69 -24.85
CA ARG A 50 -9.95 -6.09 -26.21
C ARG A 50 -11.40 -6.61 -26.22
N LYS A 51 -11.84 -7.16 -25.06
CA LYS A 51 -13.20 -7.68 -24.83
C LYS A 51 -14.18 -6.53 -24.48
N SER A 52 -15.44 -6.67 -24.89
CA SER A 52 -16.48 -5.66 -24.63
C SER A 52 -16.79 -5.51 -23.15
N PHE A 53 -17.35 -4.33 -22.77
CA PHE A 53 -17.77 -4.05 -21.40
C PHE A 53 -18.73 -5.15 -20.97
N ARG A 54 -19.70 -5.46 -21.85
CA ARG A 54 -20.68 -6.51 -21.63
C ARG A 54 -19.99 -7.84 -21.25
N THR A 55 -18.93 -8.25 -22.00
CA THR A 55 -18.17 -9.47 -21.70
C THR A 55 -17.49 -9.36 -20.33
N ARG A 56 -16.62 -8.33 -20.19
CA ARG A 56 -15.83 -8.04 -18.99
C ARG A 56 -16.68 -8.03 -17.68
N ILE A 57 -17.91 -7.46 -17.74
CA ILE A 57 -18.80 -7.42 -16.57
C ILE A 57 -19.37 -8.79 -16.22
N ILE A 58 -19.84 -9.55 -17.25
CA ILE A 58 -20.37 -10.93 -17.10
C ILE A 58 -19.24 -11.78 -16.48
N ASP A 59 -18.05 -11.71 -17.09
CA ASP A 59 -16.84 -12.36 -16.61
C ASP A 59 -16.57 -12.01 -15.14
N PHE A 60 -16.80 -10.72 -14.78
CA PHE A 60 -16.63 -10.25 -13.42
C PHE A 60 -17.59 -10.99 -12.51
N LEU A 61 -18.87 -11.01 -12.92
CA LEU A 61 -19.95 -11.65 -12.18
C LEU A 61 -19.77 -13.14 -11.99
N ILE A 62 -19.30 -13.86 -13.06
CA ILE A 62 -18.97 -15.29 -13.04
C ILE A 62 -17.89 -15.52 -11.99
N ASP A 63 -16.86 -14.64 -11.92
CA ASP A 63 -15.80 -14.87 -10.91
C ASP A 63 -16.32 -14.74 -9.53
N ARG A 64 -17.30 -13.85 -9.35
CA ARG A 64 -17.92 -13.61 -8.05
C ARG A 64 -18.83 -14.76 -7.69
N ALA A 65 -19.51 -15.32 -8.71
CA ALA A 65 -20.40 -16.46 -8.58
C ALA A 65 -19.64 -17.69 -8.10
N ILE A 66 -18.46 -17.95 -8.71
CA ILE A 66 -17.55 -19.04 -8.36
C ILE A 66 -17.18 -18.97 -6.88
N VAL A 67 -16.84 -17.76 -6.38
CA VAL A 67 -16.47 -17.57 -5.00
C VAL A 67 -17.63 -17.90 -4.08
N ASP A 68 -18.81 -17.35 -4.38
CA ASP A 68 -20.02 -17.60 -3.62
C ASP A 68 -20.31 -19.11 -3.55
N VAL A 69 -20.36 -19.77 -4.75
CA VAL A 69 -20.62 -21.20 -4.91
C VAL A 69 -19.65 -22.05 -4.07
N VAL A 70 -18.33 -21.82 -4.22
CA VAL A 70 -17.31 -22.60 -3.53
C VAL A 70 -17.34 -22.39 -2.04
N ALA A 71 -17.65 -21.14 -1.61
CA ALA A 71 -17.74 -20.82 -0.18
C ALA A 71 -18.90 -21.60 0.45
N GLU A 72 -20.07 -21.69 -0.27
CA GLU A 72 -21.23 -22.48 0.19
C GLU A 72 -20.75 -23.90 0.52
N GLU A 73 -20.13 -24.59 -0.47
CA GLU A 73 -19.60 -25.96 -0.34
C GLU A 73 -18.66 -26.11 0.85
N GLU A 74 -17.83 -25.09 1.13
CA GLU A 74 -16.87 -25.16 2.24
C GLU A 74 -17.41 -24.59 3.54
N SER A 75 -18.73 -24.30 3.57
CA SER A 75 -19.47 -23.76 4.72
C SER A 75 -18.93 -22.42 5.26
N ILE A 76 -18.38 -21.61 4.35
CA ILE A 76 -17.91 -20.28 4.65
C ILE A 76 -19.17 -19.46 4.47
N GLN A 77 -19.72 -18.98 5.59
CA GLN A 77 -20.94 -18.17 5.61
C GLN A 77 -20.56 -16.78 6.08
N VAL A 78 -21.07 -15.76 5.39
CA VAL A 78 -20.82 -14.37 5.72
C VAL A 78 -22.17 -13.69 5.95
N ASN A 79 -22.51 -13.44 7.24
CA ASN A 79 -23.78 -12.83 7.66
C ASN A 79 -23.60 -11.34 8.02
N GLU A 80 -24.74 -10.60 8.19
CA GLU A 80 -24.78 -9.17 8.52
C GLU A 80 -23.84 -8.85 9.70
N GLN A 81 -23.85 -9.72 10.76
CA GLN A 81 -23.00 -9.61 11.95
C GLN A 81 -21.51 -9.72 11.62
N ARG A 82 -21.10 -10.78 10.87
CA ARG A 82 -19.72 -11.01 10.43
C ARG A 82 -19.14 -9.82 9.66
N VAL A 83 -19.98 -9.13 8.85
CA VAL A 83 -19.56 -7.95 8.08
C VAL A 83 -19.09 -6.88 9.08
N ASP A 84 -19.96 -6.52 10.06
CA ASP A 84 -19.68 -5.54 11.10
C ASP A 84 -18.39 -5.91 11.87
N SER A 85 -18.26 -7.21 12.26
CA SER A 85 -17.11 -7.78 12.97
C SER A 85 -15.80 -7.52 12.24
N GLU A 86 -15.81 -7.69 10.91
CA GLU A 86 -14.67 -7.49 10.02
C GLU A 86 -14.29 -6.00 9.95
N ILE A 87 -15.30 -5.11 9.83
CA ILE A 87 -15.09 -3.66 9.75
C ILE A 87 -14.33 -3.21 11.01
N GLU A 88 -14.81 -3.66 12.18
CA GLU A 88 -14.23 -3.36 13.49
C GLU A 88 -12.88 -4.04 13.69
N LYS A 89 -12.67 -5.22 13.08
CA LYS A 89 -11.38 -5.91 13.13
C LYS A 89 -10.36 -5.16 12.23
N ARG A 90 -10.88 -4.41 11.21
CA ARG A 90 -10.10 -3.58 10.27
C ARG A 90 -9.70 -2.24 10.91
N MET A 91 -10.56 -1.73 11.83
CA MET A 91 -10.34 -0.51 12.61
C MET A 91 -9.28 -0.81 13.66
N GLU A 92 -9.45 -1.93 14.41
CA GLU A 92 -8.56 -2.43 15.46
C GLU A 92 -7.15 -2.82 14.95
N VAL A 93 -6.82 -2.40 13.71
CA VAL A 93 -5.55 -2.60 13.01
C VAL A 93 -5.08 -1.24 12.47
N MET A 94 -5.99 -0.51 11.79
CA MET A 94 -5.75 0.82 11.22
C MET A 94 -5.56 1.88 12.32
N GLY A 95 -6.12 1.62 13.50
CA GLY A 95 -6.08 2.51 14.66
C GLY A 95 -7.41 3.19 14.95
N ILE A 96 -8.10 3.60 13.86
CA ILE A 96 -9.40 4.30 13.80
C ILE A 96 -10.40 3.87 14.91
N THR A 97 -11.05 4.85 15.56
CA THR A 97 -12.03 4.61 16.64
C THR A 97 -13.49 4.88 16.26
N ASN A 98 -13.77 6.01 15.55
CA ASN A 98 -15.12 6.37 15.14
C ASN A 98 -15.49 5.67 13.85
N ARG A 99 -16.73 5.13 13.78
CA ARG A 99 -17.25 4.42 12.61
C ARG A 99 -17.43 5.36 11.41
N LYS A 100 -17.72 6.65 11.71
CA LYS A 100 -17.93 7.73 10.73
C LYS A 100 -16.65 8.11 9.99
N GLN A 101 -15.50 8.16 10.72
CA GLN A 101 -14.19 8.50 10.13
C GLN A 101 -13.68 7.41 9.19
N PHE A 102 -13.96 6.13 9.53
CA PHE A 102 -13.59 4.94 8.74
C PHE A 102 -14.32 4.93 7.41
N GLU A 103 -15.58 5.40 7.41
CA GLU A 103 -16.43 5.49 6.21
C GLU A 103 -15.83 6.44 5.16
N LYS A 104 -15.14 7.50 5.63
CA LYS A 104 -14.45 8.49 4.79
C LYS A 104 -13.08 7.96 4.32
N THR A 105 -12.35 7.25 5.21
CA THR A 105 -11.03 6.63 4.98
C THR A 105 -11.07 5.69 3.79
N MET A 106 -12.11 4.83 3.75
CA MET A 106 -12.36 3.83 2.71
C MET A 106 -12.80 4.48 1.41
N GLU A 107 -13.67 5.51 1.48
CA GLU A 107 -14.16 6.27 0.32
C GLU A 107 -13.02 6.96 -0.44
N THR A 108 -11.93 7.27 0.28
CA THR A 108 -10.73 7.89 -0.26
C THR A 108 -9.99 6.85 -1.11
N SER A 109 -9.55 5.74 -0.47
CA SER A 109 -8.81 4.62 -1.07
C SER A 109 -9.56 3.90 -2.20
N SER A 110 -10.90 3.75 -2.05
CA SER A 110 -11.75 3.08 -3.03
C SER A 110 -12.23 3.96 -4.18
N GLY A 111 -12.67 5.17 -3.84
CA GLY A 111 -13.28 6.09 -4.81
C GLY A 111 -14.64 5.52 -5.12
N MET A 112 -15.34 5.10 -4.05
CA MET A 112 -16.60 4.39 -4.06
C MET A 112 -17.46 4.76 -2.82
N PRO A 113 -18.79 5.00 -2.97
CA PRO A 113 -19.63 5.31 -1.78
C PRO A 113 -19.61 4.16 -0.78
N PHE A 114 -19.50 4.46 0.53
CA PHE A 114 -19.42 3.44 1.58
C PHE A 114 -20.51 2.38 1.54
N GLU A 115 -21.74 2.74 1.17
CA GLU A 115 -22.88 1.80 1.06
C GLU A 115 -22.62 0.73 -0.04
N LEU A 116 -21.74 1.05 -1.03
CA LEU A 116 -21.33 0.18 -2.14
C LEU A 116 -20.05 -0.59 -1.79
N TRP A 117 -19.07 0.08 -1.17
CA TRP A 117 -17.83 -0.54 -0.75
C TRP A 117 -18.07 -1.66 0.25
N VAL A 118 -19.00 -1.46 1.18
CA VAL A 118 -19.32 -2.46 2.18
C VAL A 118 -19.80 -3.82 1.54
N THR A 119 -20.37 -3.76 0.32
CA THR A 119 -20.83 -4.96 -0.40
C THR A 119 -19.70 -5.81 -1.00
N GLU A 120 -18.46 -5.35 -0.83
CA GLU A 120 -17.29 -6.09 -1.26
C GLU A 120 -16.86 -7.05 -0.15
N LEU A 121 -16.92 -6.62 1.12
CA LEU A 121 -16.52 -7.41 2.29
C LEU A 121 -16.87 -8.89 2.23
N PRO A 122 -18.14 -9.31 1.92
CA PRO A 122 -18.42 -10.75 1.72
C PRO A 122 -17.40 -11.44 0.79
N TYR A 123 -17.19 -10.87 -0.45
CA TYR A 123 -16.20 -11.36 -1.44
C TYR A 123 -14.82 -11.44 -0.82
N GLN A 124 -14.38 -10.34 -0.21
CA GLN A 124 -13.07 -10.23 0.44
C GLN A 124 -12.92 -11.30 1.54
N ILE A 125 -13.93 -11.42 2.43
CA ILE A 125 -13.92 -12.41 3.54
C ILE A 125 -13.85 -13.80 2.98
N LYS A 126 -14.79 -14.16 2.09
CA LYS A 126 -14.86 -15.48 1.45
C LYS A 126 -13.54 -15.82 0.76
N LYS A 127 -12.95 -14.86 -0.01
CA LYS A 127 -11.67 -15.00 -0.72
C LYS A 127 -10.56 -15.34 0.27
N GLY A 128 -10.48 -14.59 1.36
CA GLY A 128 -9.48 -14.80 2.40
C GLY A 128 -9.56 -16.16 3.07
N GLN A 129 -10.80 -16.63 3.28
CA GLN A 129 -11.11 -17.90 3.94
C GLN A 129 -10.88 -19.08 2.99
N LEU A 130 -11.07 -18.86 1.69
CA LEU A 130 -10.82 -19.86 0.67
C LEU A 130 -9.32 -20.05 0.50
N LEU A 131 -8.54 -18.94 0.55
CA LEU A 131 -7.08 -19.00 0.43
C LEU A 131 -6.49 -19.73 1.61
N GLN A 132 -7.11 -19.55 2.79
CA GLN A 132 -6.70 -20.18 4.05
C GLN A 132 -6.93 -21.68 3.99
N LEU A 133 -8.01 -22.09 3.33
CA LEU A 133 -8.40 -23.49 3.24
C LEU A 133 -7.86 -24.25 2.01
N LYS A 134 -8.31 -23.90 0.82
CA LYS A 134 -7.98 -24.62 -0.40
C LYS A 134 -6.61 -24.31 -0.96
N ILE A 135 -6.38 -23.04 -1.30
CA ILE A 135 -5.18 -22.54 -1.96
C ILE A 135 -3.88 -22.59 -1.13
N ALA A 136 -2.78 -22.82 -1.83
CA ALA A 136 -1.44 -22.90 -1.27
C ALA A 136 -0.58 -21.73 -1.78
N VAL A 137 -0.05 -20.97 -0.82
CA VAL A 137 0.82 -19.83 -1.09
C VAL A 137 2.05 -20.05 -0.19
N PRO A 138 3.11 -20.66 -0.79
CA PRO A 138 4.31 -20.95 0.01
C PRO A 138 5.08 -19.67 0.33
N PRO A 139 5.35 -19.39 1.63
CA PRO A 139 6.12 -18.17 1.99
C PRO A 139 7.32 -17.96 1.07
N PRO A 140 7.65 -16.72 0.65
CA PRO A 140 8.78 -16.55 -0.27
C PRO A 140 10.12 -16.98 0.32
N ASN A 141 10.98 -17.52 -0.55
CA ASN A 141 12.30 -18.04 -0.20
C ASN A 141 13.39 -16.94 -0.30
N GLU A 142 14.55 -17.19 0.37
CA GLU A 142 15.69 -16.29 0.36
C GLU A 142 16.21 -15.97 -1.04
N GLN A 143 16.15 -16.90 -2.00
CA GLN A 143 16.60 -16.59 -3.37
C GLN A 143 15.67 -15.60 -4.07
N GLU A 144 14.36 -15.67 -3.73
CA GLU A 144 13.30 -14.81 -4.27
C GLU A 144 13.41 -13.41 -3.65
N ILE A 145 13.72 -13.34 -2.32
CA ILE A 145 13.92 -12.09 -1.57
C ILE A 145 15.11 -11.35 -2.18
N ARG A 146 16.29 -12.00 -2.19
CA ARG A 146 17.50 -11.45 -2.79
C ARG A 146 17.30 -11.01 -4.21
N SER A 147 16.51 -11.73 -5.01
CA SER A 147 16.31 -11.34 -6.41
C SER A 147 15.50 -10.07 -6.55
N TRP A 148 14.49 -9.89 -5.65
CA TRP A 148 13.68 -8.68 -5.62
C TRP A 148 14.62 -7.52 -5.30
N TYR A 149 15.43 -7.64 -4.20
CA TYR A 149 16.42 -6.65 -3.79
C TYR A 149 17.30 -6.37 -4.98
N ASN A 150 18.11 -7.33 -5.37
CA ASN A 150 18.99 -7.20 -6.52
C ASN A 150 18.38 -6.59 -7.77
N GLN A 151 17.07 -6.84 -8.04
CA GLN A 151 16.52 -6.24 -9.27
C GLN A 151 15.56 -5.07 -9.10
N ASN A 152 15.47 -4.51 -7.88
CA ASN A 152 14.62 -3.34 -7.57
C ASN A 152 15.38 -2.34 -6.72
N LYS A 153 16.61 -1.99 -7.13
CA LYS A 153 17.40 -1.09 -6.28
C LYS A 153 16.84 0.29 -6.12
N ASP A 154 16.12 0.79 -7.15
CA ASP A 154 15.41 2.09 -7.14
C ASP A 154 14.36 2.12 -6.02
N LYS A 155 13.70 0.97 -5.81
CA LYS A 155 12.68 0.77 -4.79
C LYS A 155 13.25 0.47 -3.42
N VAL A 156 14.57 0.20 -3.30
CA VAL A 156 15.13 -0.08 -1.98
C VAL A 156 15.24 1.15 -1.12
N GLY A 157 15.83 2.20 -1.69
CA GLY A 157 16.06 3.47 -1.02
C GLY A 157 17.45 3.55 -0.42
N PHE A 158 17.69 4.63 0.35
CA PHE A 158 18.96 4.85 1.00
C PHE A 158 18.77 5.19 2.45
N GLU A 159 19.80 4.88 3.21
CA GLU A 159 19.90 5.15 4.64
C GLU A 159 20.94 6.25 4.79
N ILE A 160 20.79 7.07 5.85
CA ILE A 160 21.69 8.19 6.13
C ILE A 160 22.14 8.21 7.56
N ARG A 161 23.35 8.71 7.74
CA ARG A 161 24.01 8.93 9.02
C ARG A 161 24.37 10.44 9.03
N TYR A 162 23.90 11.19 10.03
CA TYR A 162 24.17 12.64 10.09
C TYR A 162 24.40 13.17 11.51
N ARG A 163 24.92 14.41 11.59
CA ARG A 163 25.12 15.15 12.83
C ARG A 163 24.26 16.42 12.79
N ILE A 164 23.53 16.66 13.89
CA ILE A 164 22.66 17.83 14.02
C ILE A 164 22.99 18.71 15.27
N ILE A 165 22.76 20.04 15.15
CA ILE A 165 22.89 21.04 16.22
C ILE A 165 21.51 21.67 16.33
N SER A 166 20.85 21.52 17.49
CA SER A 166 19.49 22.03 17.71
C SER A 166 19.40 22.92 18.95
N ILE A 167 19.39 24.24 18.75
CA ILE A 167 19.33 25.24 19.83
C ILE A 167 17.94 25.84 19.94
N ALA A 168 17.29 25.66 21.09
CA ALA A 168 15.94 26.18 21.34
C ALA A 168 15.93 27.63 21.80
N PRO A 169 14.90 28.41 21.44
CA PRO A 169 14.83 29.79 21.93
C PRO A 169 14.23 29.85 23.33
N GLU A 170 14.82 30.70 24.21
CA GLU A 170 14.33 30.88 25.59
C GLU A 170 12.93 31.50 25.58
N ASN A 171 12.83 32.71 25.01
CA ASN A 171 11.62 33.49 24.90
C ASN A 171 11.06 33.47 23.50
N ASP A 172 9.73 33.56 23.41
CA ASP A 172 8.94 33.59 22.18
C ASP A 172 9.17 34.87 21.33
N SER A 173 10.15 35.69 21.74
CA SER A 173 10.43 36.95 21.05
C SER A 173 11.10 36.82 19.70
N ILE A 174 10.74 37.76 18.84
CA ILE A 174 11.23 37.98 17.48
C ILE A 174 12.70 38.38 17.55
N GLN A 175 13.08 39.05 18.64
CA GLN A 175 14.42 39.54 18.93
C GLN A 175 15.34 38.33 19.16
N GLU A 176 14.81 37.33 19.91
CA GLU A 176 15.47 36.06 20.22
C GLU A 176 15.66 35.29 18.90
N GLU A 177 14.58 35.25 18.06
CA GLU A 177 14.60 34.62 16.74
C GLU A 177 15.76 35.18 15.95
N ASN A 178 15.80 36.50 15.78
CA ASN A 178 16.88 37.18 15.07
C ASN A 178 18.26 36.86 15.63
N ARG A 179 18.35 36.66 16.98
CA ARG A 179 19.62 36.37 17.64
C ARG A 179 20.08 34.96 17.30
N LEU A 180 19.22 33.97 17.60
CA LEU A 180 19.45 32.55 17.30
C LEU A 180 19.74 32.31 15.81
N TYR A 181 18.94 32.95 14.91
CA TYR A 181 19.21 32.85 13.48
C TYR A 181 20.67 33.24 13.24
N LYS A 182 21.11 34.41 13.77
CA LYS A 182 22.51 34.88 13.65
C LYS A 182 23.50 33.97 14.40
N GLU A 183 23.09 33.42 15.56
CA GLU A 183 23.93 32.54 16.40
C GLU A 183 24.31 31.31 15.60
N VAL A 184 23.26 30.57 15.16
CA VAL A 184 23.37 29.35 14.39
C VAL A 184 24.04 29.63 13.05
N SER A 185 23.68 30.72 12.37
CA SER A 185 24.36 31.07 11.12
C SER A 185 25.86 31.24 11.31
N GLU A 186 26.27 31.70 12.50
CA GLU A 186 27.69 31.87 12.79
C GLU A 186 28.34 30.52 12.97
N ILE A 187 27.66 29.59 13.68
CA ILE A 187 28.12 28.20 13.85
C ILE A 187 28.30 27.56 12.46
N ARG A 188 27.35 27.80 11.55
CA ARG A 188 27.40 27.27 10.19
C ARG A 188 28.62 27.76 9.44
N LYS A 189 28.94 29.08 9.53
CA LYS A 189 30.12 29.69 8.88
C LYS A 189 31.40 29.01 9.42
N SER A 190 31.41 28.69 10.75
CA SER A 190 32.51 28.08 11.50
C SER A 190 32.72 26.65 11.11
N ILE A 191 31.62 25.95 10.81
CA ILE A 191 31.60 24.54 10.42
C ILE A 191 32.21 24.36 9.04
N LEU A 192 31.85 25.25 8.10
CA LEU A 192 32.42 25.20 6.76
C LEU A 192 33.93 25.52 6.85
N ALA A 193 34.31 26.53 7.69
CA ALA A 193 35.69 26.95 7.98
C ALA A 193 36.55 25.78 8.52
N ASP A 194 36.06 25.11 9.58
CA ASP A 194 36.70 23.94 10.20
C ASP A 194 35.63 22.86 10.50
N PRO A 195 35.52 21.81 9.65
CA PRO A 195 34.51 20.76 9.88
C PRO A 195 34.65 19.99 11.22
N SER A 196 35.90 19.85 11.71
CA SER A 196 36.28 19.18 12.96
C SER A 196 35.51 19.75 14.15
N SER A 197 35.15 21.04 14.06
CA SER A 197 34.41 21.81 15.05
C SER A 197 33.07 21.19 15.36
N PHE A 198 32.29 20.80 14.31
CA PHE A 198 30.93 20.26 14.41
C PHE A 198 30.76 19.26 15.54
N ALA A 199 31.72 18.31 15.66
CA ALA A 199 31.71 17.31 16.72
C ALA A 199 31.76 17.98 18.11
N LEU A 200 32.71 18.93 18.31
CA LEU A 200 32.90 19.65 19.57
C LEU A 200 31.70 20.49 19.98
N ILE A 201 31.14 21.27 19.03
CA ILE A 201 29.96 22.14 19.22
C ILE A 201 28.70 21.31 19.46
N ALA A 202 28.67 20.06 18.95
CA ALA A 202 27.56 19.15 19.14
C ALA A 202 27.57 18.56 20.57
N GLY A 203 28.77 18.38 21.12
CA GLY A 203 28.99 17.92 22.50
C GLY A 203 28.90 19.08 23.50
N SER A 204 29.10 20.32 22.99
CA SER A 204 29.05 21.59 23.71
C SER A 204 27.66 21.86 24.35
N PRO A 205 27.59 22.60 25.49
CA PRO A 205 26.29 22.85 26.16
C PRO A 205 25.15 23.57 25.41
N ARG A 206 25.43 24.32 24.30
CA ARG A 206 24.37 25.03 23.53
C ARG A 206 23.38 24.06 22.89
N ASN A 207 23.89 22.91 22.39
CA ASN A 207 23.11 21.85 21.76
C ASN A 207 22.17 21.19 22.80
N ASP A 208 21.06 20.58 22.33
CA ASP A 208 20.07 19.88 23.16
C ASP A 208 20.75 18.81 24.06
N PRO A 209 20.32 18.58 25.33
CA PRO A 209 21.01 17.58 26.17
C PRO A 209 21.08 16.16 25.59
N ALA A 210 20.03 15.72 24.86
CA ALA A 210 19.94 14.39 24.23
C ALA A 210 21.03 14.12 23.16
N LEU A 211 21.40 15.17 22.43
CA LEU A 211 22.41 15.11 21.37
C LEU A 211 23.84 15.25 21.90
N ARG A 212 24.04 15.97 23.04
CA ARG A 212 25.34 16.20 23.70
C ARG A 212 26.06 14.88 24.02
N ALA A 213 25.28 13.90 24.57
CA ALA A 213 25.74 12.56 24.94
C ALA A 213 26.23 11.80 23.69
N ARG A 214 25.33 11.62 22.69
CA ARG A 214 25.58 10.91 21.43
C ARG A 214 26.39 11.72 20.38
N ARG A 215 27.21 12.73 20.82
CA ARG A 215 28.08 13.65 20.03
C ARG A 215 27.39 14.48 18.89
N GLY A 216 26.06 14.62 18.96
CA GLY A 216 25.23 15.29 17.97
C GLY A 216 24.79 14.39 16.82
N MET A 217 25.40 13.19 16.75
CA MET A 217 25.22 12.15 15.74
C MET A 217 23.92 11.40 15.82
N VAL A 218 23.36 11.11 14.63
CA VAL A 218 22.18 10.29 14.41
C VAL A 218 22.63 9.14 13.50
N GLU A 219 22.52 7.92 13.99
CA GLU A 219 22.97 6.74 13.26
C GLU A 219 21.94 6.24 12.27
N TRP A 220 22.42 5.56 11.17
CA TRP A 220 21.71 4.96 10.02
C TRP A 220 20.19 4.91 10.13
N ILE A 221 19.52 5.67 9.26
CA ILE A 221 18.07 5.84 9.27
C ILE A 221 17.57 6.19 7.85
N SER A 222 16.36 5.77 7.52
CA SER A 222 15.80 6.14 6.22
C SER A 222 15.19 7.49 6.37
N SER A 223 15.31 8.28 5.30
CA SER A 223 14.73 9.62 5.20
C SER A 223 13.22 9.50 5.46
N PHE A 224 12.62 8.30 5.20
CA PHE A 224 11.20 8.00 5.43
C PHE A 224 10.86 7.82 6.90
N ASP A 225 11.67 7.02 7.64
CA ASP A 225 11.48 6.81 9.08
C ASP A 225 11.76 8.13 9.81
N LEU A 226 12.73 8.90 9.29
CA LEU A 226 13.06 10.21 9.81
C LEU A 226 11.86 11.15 9.62
N TYR A 227 11.26 11.17 8.40
CA TYR A 227 10.07 11.94 8.01
C TYR A 227 8.90 11.68 8.96
N LYS A 228 8.93 10.53 9.66
CA LYS A 228 7.92 10.16 10.65
C LYS A 228 8.22 10.97 11.92
N TYR A 229 9.50 10.96 12.42
CA TYR A 229 9.92 11.73 13.60
C TYR A 229 9.88 13.25 13.33
N SER A 230 10.39 13.71 12.15
CA SER A 230 10.36 15.11 11.71
C SER A 230 10.38 15.28 10.19
N LYS A 231 9.22 15.71 9.65
CA LYS A 231 9.04 16.00 8.23
C LYS A 231 10.07 17.04 7.73
N ILE A 232 10.31 18.11 8.54
CA ILE A 232 11.28 19.17 8.23
C ILE A 232 12.68 18.59 8.10
N THR A 233 13.21 18.04 9.20
CA THR A 233 14.56 17.45 9.26
C THR A 233 14.86 16.57 8.06
N ALA A 234 13.89 15.68 7.71
CA ALA A 234 14.02 14.76 6.59
C ALA A 234 14.07 15.50 5.25
N THR A 235 13.03 16.32 4.94
CA THR A 235 12.97 17.09 3.68
C THR A 235 14.23 17.91 3.42
N ILE A 236 14.90 18.34 4.51
CA ILE A 236 16.14 19.09 4.52
C ILE A 236 17.32 18.12 4.27
N ALA A 237 17.33 16.94 4.94
CA ALA A 237 18.43 15.97 4.86
C ALA A 237 18.49 15.24 3.52
N ALA A 238 17.32 14.71 3.10
CA ALA A 238 17.10 13.93 1.89
C ALA A 238 17.92 14.43 0.68
N PRO A 239 17.86 15.75 0.30
CA PRO A 239 18.61 16.22 -0.87
C PRO A 239 20.10 16.41 -0.68
N LEU A 240 20.61 16.31 0.53
CA LEU A 240 22.03 16.60 0.61
C LEU A 240 22.98 15.44 0.43
N PRO A 241 24.09 15.70 -0.33
CA PRO A 241 25.17 14.70 -0.48
C PRO A 241 25.94 14.34 0.78
N ASN A 242 26.97 13.49 0.64
CA ASN A 242 27.82 13.16 1.78
C ASN A 242 28.61 14.46 2.13
N GLY A 243 28.68 14.77 3.44
CA GLY A 243 29.32 15.98 3.93
C GLY A 243 28.58 17.28 3.63
N GLY A 244 27.33 17.17 3.18
CA GLY A 244 26.50 18.33 2.90
C GLY A 244 26.06 18.97 4.20
N VAL A 245 26.32 20.28 4.34
CA VAL A 245 25.88 21.02 5.52
C VAL A 245 24.56 21.67 5.14
N SER A 246 23.50 21.44 5.93
CA SER A 246 22.21 22.05 5.64
C SER A 246 22.23 23.54 5.92
N GLU A 247 21.34 24.29 5.31
CA GLU A 247 21.21 25.71 5.62
C GLU A 247 20.55 25.79 7.03
N VAL A 248 20.56 26.98 7.63
CA VAL A 248 20.00 27.13 8.96
C VAL A 248 18.49 27.01 8.84
N PHE A 249 17.91 26.09 9.61
CA PHE A 249 16.49 25.85 9.55
C PHE A 249 15.90 25.68 10.92
N ARG A 250 14.56 25.69 11.00
CA ARG A 250 13.82 25.49 12.22
C ARG A 250 13.13 24.15 12.28
N ASP A 251 13.23 23.54 13.46
CA ASP A 251 12.63 22.28 13.90
C ASP A 251 11.12 22.44 13.92
N GLU A 252 10.40 21.33 14.02
CA GLU A 252 8.93 21.34 14.17
C GLU A 252 8.62 21.77 15.63
N ARG A 253 9.68 21.78 16.50
CA ARG A 253 9.74 22.16 17.91
C ARG A 253 10.37 23.57 18.03
N LYS A 254 10.23 24.38 16.96
CA LYS A 254 10.77 25.73 16.85
C LYS A 254 12.27 25.97 17.21
N ARG A 255 13.10 24.89 17.32
CA ARG A 255 14.55 25.01 17.61
C ARG A 255 15.31 25.41 16.34
N TYR A 256 16.40 26.16 16.48
CA TYR A 256 17.21 26.58 15.35
C TYR A 256 18.30 25.56 15.08
N CYS A 257 18.20 24.88 13.91
CA CYS A 257 19.10 23.76 13.55
C CYS A 257 19.99 23.92 12.35
N ILE A 258 20.98 23.03 12.35
CA ILE A 258 21.98 22.81 11.33
C ILE A 258 22.32 21.32 11.35
N LEU A 259 22.29 20.67 10.16
CA LEU A 259 22.69 19.27 10.09
C LEU A 259 23.70 19.04 8.99
N LYS A 260 24.52 17.99 9.16
CA LYS A 260 25.52 17.59 8.17
C LYS A 260 25.48 16.09 7.94
N ILE A 261 25.33 15.67 6.66
CA ILE A 261 25.32 14.26 6.29
C ILE A 261 26.73 13.74 6.49
N GLU A 262 26.84 12.71 7.33
CA GLU A 262 28.11 12.08 7.65
C GLU A 262 28.34 10.79 6.85
N GLY A 263 27.25 10.23 6.33
CA GLY A 263 27.23 9.00 5.54
C GLY A 263 25.92 8.71 4.84
N LYS A 264 26.02 7.97 3.73
CA LYS A 264 24.91 7.55 2.88
C LYS A 264 25.25 6.13 2.43
N ARG A 265 24.25 5.23 2.37
CA ARG A 265 24.42 3.85 1.91
C ARG A 265 23.07 3.29 1.47
N PRO A 266 23.03 2.34 0.50
CA PRO A 266 21.74 1.75 0.09
C PRO A 266 21.25 0.92 1.23
N THR A 267 19.96 1.08 1.58
CA THR A 267 19.38 0.37 2.71
C THR A 267 19.58 -1.15 2.64
N PRO A 268 20.27 -1.74 3.65
CA PRO A 268 20.56 -3.18 3.62
C PRO A 268 19.31 -4.04 3.61
N MET A 269 19.35 -5.14 2.82
CA MET A 269 18.24 -6.07 2.69
C MET A 269 17.64 -6.46 4.01
N GLU A 270 18.51 -6.78 4.97
CA GLU A 270 18.20 -7.24 6.33
C GLU A 270 17.09 -6.46 6.96
N ASN A 271 17.02 -5.17 6.67
CA ASN A 271 16.04 -4.26 7.26
C ASN A 271 14.72 -4.30 6.49
N LEU A 272 14.84 -4.41 5.18
CA LEU A 272 13.70 -4.51 4.28
C LEU A 272 13.20 -5.98 4.09
N ARG A 273 13.80 -6.98 4.80
CA ARG A 273 13.41 -8.39 4.66
C ARG A 273 11.90 -8.62 4.68
N GLY A 274 11.25 -8.25 5.79
CA GLY A 274 9.81 -8.39 5.95
C GLY A 274 9.01 -7.71 4.85
N GLY A 275 9.38 -6.48 4.55
CA GLY A 275 8.71 -5.69 3.53
C GLY A 275 8.77 -6.33 2.16
N ILE A 276 9.93 -6.91 1.81
CA ILE A 276 10.12 -7.59 0.52
C ILE A 276 9.27 -8.87 0.48
N GLN A 277 9.28 -9.64 1.61
CA GLN A 277 8.49 -10.85 1.83
C GLN A 277 7.00 -10.54 1.61
N ASN A 278 6.49 -9.48 2.27
CA ASN A 278 5.12 -9.03 2.11
C ASN A 278 4.82 -8.70 0.65
N ILE A 279 5.71 -7.99 -0.04
CA ILE A 279 5.44 -7.65 -1.44
C ILE A 279 5.30 -8.95 -2.22
N LEU A 280 6.27 -9.86 -2.05
CA LEU A 280 6.31 -11.12 -2.76
C LEU A 280 5.11 -12.05 -2.53
N TYR A 281 4.69 -12.21 -1.29
CA TYR A 281 3.57 -13.07 -0.89
C TYR A 281 2.22 -12.62 -1.41
N ARG A 282 1.97 -11.33 -1.33
CA ARG A 282 0.74 -10.73 -1.78
C ARG A 282 0.61 -10.90 -3.29
N ASP A 283 1.73 -10.76 -4.03
CA ASP A 283 1.73 -10.91 -5.49
C ASP A 283 1.59 -12.39 -5.83
N LYS A 284 1.91 -13.27 -4.84
CA LYS A 284 1.82 -14.73 -4.98
C LYS A 284 0.34 -15.10 -4.92
N GLU A 285 -0.38 -14.68 -3.83
CA GLU A 285 -1.83 -14.88 -3.68
C GLU A 285 -2.60 -14.27 -4.88
N GLU A 286 -2.34 -13.01 -5.21
CA GLU A 286 -3.00 -12.33 -6.34
C GLU A 286 -2.90 -13.06 -7.71
N ASP A 287 -1.99 -14.05 -7.82
CA ASP A 287 -1.75 -14.84 -9.03
C ASP A 287 -2.28 -16.23 -8.82
N THR A 288 -1.92 -16.87 -7.67
CA THR A 288 -2.42 -18.20 -7.35
C THR A 288 -3.95 -18.19 -7.42
N PHE A 289 -4.58 -17.25 -6.68
CA PHE A 289 -6.02 -17.05 -6.69
C PHE A 289 -6.54 -16.73 -8.09
N HIS A 290 -5.86 -15.88 -8.88
CA HIS A 290 -6.31 -15.57 -10.25
C HIS A 290 -6.31 -16.82 -11.15
N ARG A 291 -5.42 -17.78 -10.86
CA ARG A 291 -5.31 -19.03 -11.62
C ARG A 291 -6.41 -19.97 -11.14
N TRP A 292 -6.58 -20.08 -9.81
CA TRP A 292 -7.61 -20.87 -9.16
C TRP A 292 -9.01 -20.52 -9.68
N LEU A 293 -9.32 -19.25 -9.87
CA LEU A 293 -10.57 -18.85 -10.48
C LEU A 293 -10.68 -19.41 -11.91
N LYS A 294 -9.61 -19.20 -12.75
CA LYS A 294 -9.50 -19.72 -14.13
C LYS A 294 -9.73 -21.24 -14.15
N GLU A 295 -9.05 -21.96 -13.23
CA GLU A 295 -9.11 -23.40 -12.99
C GLU A 295 -10.53 -23.80 -12.60
N SER A 296 -11.12 -23.10 -11.60
CA SER A 296 -12.47 -23.34 -11.12
C SER A 296 -13.52 -23.18 -12.20
N ARG A 297 -13.37 -22.22 -13.12
CA ARG A 297 -14.29 -22.02 -14.24
C ARG A 297 -14.40 -23.26 -15.13
N ALA A 298 -13.43 -24.18 -15.01
CA ALA A 298 -13.38 -25.40 -15.80
C ALA A 298 -14.07 -26.56 -15.06
N GLU A 299 -14.05 -26.53 -13.71
CA GLU A 299 -14.67 -27.55 -12.86
C GLU A 299 -16.18 -27.27 -12.60
N ILE A 300 -16.55 -26.09 -12.06
CA ILE A 300 -17.92 -25.67 -11.79
C ILE A 300 -18.71 -25.53 -13.08
N PRO A 301 -19.90 -26.17 -13.13
CA PRO A 301 -20.75 -26.08 -14.32
C PRO A 301 -21.21 -24.67 -14.62
N ILE A 302 -20.88 -24.18 -15.82
CA ILE A 302 -21.25 -22.85 -16.30
C ILE A 302 -22.00 -23.01 -17.62
N GLN A 303 -23.03 -22.23 -17.80
CA GLN A 303 -23.86 -22.27 -19.01
C GLN A 303 -24.12 -20.83 -19.37
N ILE A 304 -23.84 -20.49 -20.61
CA ILE A 304 -24.10 -19.14 -21.08
C ILE A 304 -25.37 -19.19 -21.90
N PHE A 305 -26.27 -18.25 -21.69
CA PHE A 305 -27.51 -18.18 -22.45
C PHE A 305 -27.45 -16.97 -23.41
N ASP A 306 -26.79 -15.85 -22.97
CA ASP A 306 -26.62 -14.59 -23.70
C ASP A 306 -25.87 -14.75 -25.01
N GLU A 307 -26.57 -14.49 -26.14
CA GLU A 307 -26.00 -14.64 -27.48
C GLU A 307 -24.81 -13.73 -27.81
N ALA A 308 -24.83 -12.47 -27.32
CA ALA A 308 -23.75 -11.51 -27.50
C ALA A 308 -22.44 -12.12 -27.01
N TYR A 309 -22.42 -12.58 -25.73
CA TYR A 309 -21.27 -13.19 -25.08
C TYR A 309 -20.85 -14.43 -25.85
N ARG A 310 -21.85 -15.33 -26.13
CA ARG A 310 -21.65 -16.58 -26.87
C ARG A 310 -20.83 -16.27 -28.13
N LYS A 311 -21.33 -15.34 -28.99
CA LYS A 311 -20.69 -14.88 -30.22
C LYS A 311 -19.27 -14.38 -29.99
N GLU A 312 -19.12 -13.35 -29.13
CA GLU A 312 -17.86 -12.70 -28.83
C GLU A 312 -16.78 -13.61 -28.26
N ASN A 313 -17.13 -14.47 -27.28
CA ASN A 313 -16.16 -15.36 -26.63
C ASN A 313 -16.00 -16.73 -27.28
N LYS A 314 -16.60 -16.91 -28.49
CA LYS A 314 -16.43 -18.10 -29.32
C LYS A 314 -16.83 -19.37 -28.59
N ILE A 315 -18.13 -19.50 -28.32
CA ILE A 315 -18.73 -20.65 -27.66
C ILE A 315 -19.56 -21.43 -28.70
N PRO A 316 -19.19 -22.70 -28.96
CA PRO A 316 -19.92 -23.47 -29.98
C PRO A 316 -21.30 -23.95 -29.59
N LEU A 317 -22.09 -24.27 -30.62
CA LEU A 317 -23.41 -24.87 -30.47
C LEU A 317 -23.29 -26.33 -30.87
N LYS A 318 -24.09 -27.22 -30.24
CA LYS A 318 -24.10 -28.63 -30.65
C LYS A 318 -24.68 -28.69 -32.07
N GLU A 319 -24.24 -29.72 -32.83
CA GLU A 319 -24.64 -29.97 -34.22
C GLU A 319 -24.69 -28.69 -35.06
N GLU A 320 -23.61 -27.89 -34.97
CA GLU A 320 -23.45 -26.65 -35.72
C GLU A 320 -22.65 -27.09 -36.95
N THR A 321 -23.30 -27.88 -37.86
CA THR A 321 -22.75 -28.48 -39.09
C THR A 321 -21.68 -27.64 -39.79
N PHE A 322 -20.47 -28.21 -39.96
CA PHE A 322 -19.35 -27.53 -40.59
C PHE A 322 -19.58 -27.32 -42.08
N HIS A 323 -19.28 -26.10 -42.55
CA HIS A 323 -19.48 -25.61 -43.92
C HIS A 323 -19.00 -26.50 -45.08
N LEU A 324 -17.79 -27.10 -44.92
CA LEU A 324 -17.11 -28.00 -45.87
C LEU A 324 -16.80 -27.37 -47.24
#